data_8E5D
#
_entry.id   8E5D
#
_cell.length_a   31.699
_cell.length_b   94.611
_cell.length_c   138.465
_cell.angle_alpha   90.00
_cell.angle_beta   90.00
_cell.angle_gamma   90.00
#
_symmetry.space_group_name_H-M   'P 2 2 21'
#
loop_
_entity.id
_entity.type
_entity.pdbx_description
1 polymer 'Double-stranded DNA deaminase toxin A'
2 polymer "DNA (5'-D(*GP*TP*AP*CP*CP*GP*GP*AP*CP*GP*TP*TP*GP*C)-3')"
3 polymer "DNA (5'-D(*GP*TP*AP*CP*CP*GP*GP*AP*CP*GP*TP*TP*GP*C)-3')"
4 non-polymer 'ZINC ION'
5 non-polymer 'MAGNESIUM ION'
6 non-polymer 'PHOSPHATE ION'
7 water water
#
loop_
_entity_poly.entity_id
_entity_poly.type
_entity_poly.pdbx_seq_one_letter_code
_entity_poly.pdbx_strand_id
1 'polypeptide(L)'
;GSYALGPYQISAPQLPAYNGQTVGTFYYVNDAGGLESKVFSSGGPTPYPNYANAGHVAGQSALFMRDNGISEGLVFHNNP
EGTCGFCVNMTETLLPENAKMTVVPPEGAIPVKRGATGETKVFTGNSNSPKSPHHHHHH
;
A
2 'polydeoxyribonucleotide' (DG)(DT)(DA)(DC)(DC)(DG)(DG)(DA)(DC)(DG)(DT)(DT)(DG)(DC) C
3 'polydeoxyribonucleotide' (DG)(DC)(DA)(DA)(DC)(DG)(DT)(DC)(DC)(DG)(DG)(DT)(DA)(DC) B
#
loop_
_chem_comp.id
_chem_comp.type
_chem_comp.name
_chem_comp.formula
DA DNA linking 2'-DEOXYADENOSINE-5'-MONOPHOSPHATE 'C10 H14 N5 O6 P'
DC DNA linking 2'-DEOXYCYTIDINE-5'-MONOPHOSPHATE 'C9 H14 N3 O7 P'
DG DNA linking 2'-DEOXYGUANOSINE-5'-MONOPHOSPHATE 'C10 H14 N5 O7 P'
DT DNA linking THYMIDINE-5'-MONOPHOSPHATE 'C10 H15 N2 O8 P'
MG non-polymer 'MAGNESIUM ION' 'Mg 2'
PO4 non-polymer 'PHOSPHATE ION' 'O4 P -3'
ZN non-polymer 'ZINC ION' 'Zn 2'
#
# COMPACT_ATOMS: atom_id res chain seq x y z
N GLY A 1 -3.31 -8.38 16.99
CA GLY A 1 -2.79 -7.85 15.74
C GLY A 1 -3.86 -7.17 14.90
N SER A 2 -4.55 -6.21 15.50
CA SER A 2 -5.59 -5.44 14.82
C SER A 2 -5.15 -3.99 14.65
N TYR A 3 -5.83 -3.30 13.74
CA TYR A 3 -5.42 -1.96 13.32
C TYR A 3 -6.65 -1.05 13.24
N ALA A 4 -6.46 0.21 13.60
CA ALA A 4 -7.56 1.15 13.72
C ALA A 4 -7.74 1.89 12.39
N LEU A 5 -8.95 1.79 11.84
CA LEU A 5 -9.35 2.52 10.64
C LEU A 5 -10.66 3.21 11.02
N GLY A 6 -10.56 4.47 11.44
CA GLY A 6 -11.69 5.15 12.02
C GLY A 6 -12.21 4.38 13.21
N PRO A 7 -13.52 4.11 13.23
CA PRO A 7 -14.11 3.31 14.31
C PRO A 7 -14.00 1.81 14.12
N TYR A 8 -13.29 1.34 13.09
CA TYR A 8 -13.14 -0.08 12.85
C TYR A 8 -11.79 -0.58 13.35
N GLN A 9 -11.79 -1.83 13.81
CA GLN A 9 -10.58 -2.49 14.33
C GLN A 9 -10.41 -3.77 13.52
N ILE A 10 -9.51 -3.73 12.54
CA ILE A 10 -9.43 -4.76 11.49
C ILE A 10 -8.14 -5.54 11.60
N SER A 11 -8.24 -6.86 11.47
CA SER A 11 -7.10 -7.76 11.43
C SER A 11 -6.95 -8.33 10.03
N ALA A 12 -5.85 -9.05 9.83
CA ALA A 12 -5.50 -9.55 8.52
C ALA A 12 -6.58 -10.50 8.01
N PRO A 13 -7.09 -10.30 6.80
CA PRO A 13 -8.00 -11.27 6.19
C PRO A 13 -7.20 -12.39 5.56
N GLN A 14 -7.92 -13.44 5.16
CA GLN A 14 -7.28 -14.55 4.48
C GLN A 14 -6.78 -14.10 3.11
N LEU A 15 -5.48 -14.25 2.86
CA LEU A 15 -4.82 -13.90 1.62
C LEU A 15 -4.30 -15.16 0.94
N PRO A 16 -4.22 -15.19 -0.39
CA PRO A 16 -3.67 -16.36 -1.06
C PRO A 16 -2.23 -16.60 -0.65
N ALA A 17 -1.86 -17.88 -0.59
CA ALA A 17 -0.49 -18.23 -0.25
C ALA A 17 0.47 -17.62 -1.27
N TYR A 18 1.56 -17.05 -0.78
CA TYR A 18 2.51 -16.31 -1.63
C TYR A 18 3.08 -17.21 -2.72
N ASN A 19 2.72 -16.92 -3.97
CA ASN A 19 3.20 -17.66 -5.12
C ASN A 19 4.27 -16.91 -5.90
N GLY A 20 4.80 -15.81 -5.34
CA GLY A 20 5.77 -14.96 -6.00
C GLY A 20 5.23 -13.59 -6.37
N GLN A 21 3.92 -13.48 -6.58
CA GLN A 21 3.26 -12.21 -6.88
C GLN A 21 2.53 -11.75 -5.62
N THR A 22 2.83 -10.54 -5.16
CA THR A 22 2.21 -10.03 -3.95
C THR A 22 0.75 -9.69 -4.19
N VAL A 23 -0.10 -10.07 -3.24
CA VAL A 23 -1.52 -9.77 -3.28
C VAL A 23 -1.89 -9.17 -1.94
N GLY A 24 -2.73 -8.13 -1.97
CA GLY A 24 -3.14 -7.48 -0.75
C GLY A 24 -4.61 -7.08 -0.80
N THR A 25 -5.13 -6.78 0.38
CA THR A 25 -6.46 -6.24 0.55
C THR A 25 -6.35 -4.85 1.19
N PHE A 26 -7.07 -3.89 0.63
CA PHE A 26 -7.05 -2.49 1.04
C PHE A 26 -8.41 -2.13 1.60
N TYR A 27 -8.41 -1.41 2.72
CA TYR A 27 -9.63 -1.01 3.41
C TYR A 27 -9.61 0.50 3.60
N TYR A 28 -10.76 1.12 3.36
CA TYR A 28 -10.96 2.54 3.67
C TYR A 28 -12.38 2.72 4.16
N VAL A 29 -12.70 3.94 4.60
CA VAL A 29 -14.02 4.27 5.11
C VAL A 29 -14.65 5.30 4.17
N ASN A 30 -15.84 5.00 3.67
CA ASN A 30 -16.48 5.87 2.69
C ASN A 30 -17.19 7.01 3.41
N ASP A 31 -17.90 7.83 2.62
CA ASP A 31 -18.53 9.03 3.16
C ASP A 31 -19.65 8.69 4.13
N ALA A 32 -20.27 7.52 4.00
CA ALA A 32 -21.40 7.13 4.83
C ALA A 32 -20.99 6.48 6.13
N GLY A 33 -19.70 6.27 6.37
CA GLY A 33 -19.23 5.58 7.56
C GLY A 33 -19.01 4.10 7.38
N GLY A 34 -19.43 3.52 6.26
CA GLY A 34 -19.19 2.11 6.03
C GLY A 34 -17.75 1.82 5.69
N LEU A 35 -17.38 0.55 5.82
CA LEU A 35 -16.03 0.12 5.50
C LEU A 35 -16.03 -0.58 4.15
N GLU A 36 -15.11 -0.16 3.28
CA GLU A 36 -14.98 -0.69 1.94
C GLU A 36 -13.64 -1.39 1.80
N SER A 37 -13.63 -2.51 1.08
CA SER A 37 -12.42 -3.24 0.76
C SER A 37 -12.22 -3.30 -0.75
N LYS A 38 -10.97 -3.46 -1.16
CA LYS A 38 -10.59 -3.61 -2.57
C LYS A 38 -9.33 -4.47 -2.64
N VAL A 39 -9.31 -5.45 -3.53
CA VAL A 39 -8.20 -6.38 -3.63
C VAL A 39 -7.24 -5.93 -4.74
N PHE A 40 -5.95 -5.92 -4.43
CA PHE A 40 -4.91 -5.49 -5.35
C PHE A 40 -3.91 -6.61 -5.59
N SER A 41 -3.51 -6.76 -6.85
CA SER A 41 -2.54 -7.76 -7.26
C SER A 41 -1.39 -7.06 -7.96
N SER A 42 -0.17 -7.32 -7.51
CA SER A 42 0.96 -6.52 -7.92
C SER A 42 1.25 -6.68 -9.41
N GLY A 43 1.51 -5.55 -10.07
CA GLY A 43 2.16 -5.53 -11.36
C GLY A 43 1.29 -5.50 -12.60
N GLY A 44 0.27 -4.65 -12.60
CA GLY A 44 -0.54 -4.47 -13.79
C GLY A 44 0.02 -3.39 -14.69
N PRO A 45 -0.82 -2.80 -15.52
CA PRO A 45 -0.46 -1.54 -16.17
C PRO A 45 -0.58 -0.38 -15.17
N THR A 46 0.19 0.67 -15.41
CA THR A 46 0.23 1.73 -14.42
C THR A 46 0.43 3.07 -15.10
N PRO A 47 -0.11 4.15 -14.53
CA PRO A 47 0.22 5.49 -15.06
C PRO A 47 1.65 5.92 -14.78
N TYR A 48 2.34 5.27 -13.85
CA TYR A 48 3.69 5.69 -13.45
C TYR A 48 4.68 4.53 -13.55
N PRO A 49 5.00 4.10 -14.78
CA PRO A 49 6.06 3.09 -14.93
C PRO A 49 7.44 3.59 -14.54
N ASN A 50 7.63 4.90 -14.44
CA ASN A 50 8.87 5.48 -13.95
C ASN A 50 9.01 5.40 -12.44
N TYR A 51 8.08 4.75 -11.75
CA TYR A 51 8.12 4.55 -10.31
C TYR A 51 8.13 3.06 -10.03
N ALA A 52 9.26 2.55 -9.56
CA ALA A 52 9.44 1.12 -9.33
C ALA A 52 8.45 0.54 -8.34
N ASN A 53 7.83 1.36 -7.49
CA ASN A 53 6.87 0.88 -6.51
C ASN A 53 5.43 1.07 -6.94
N ALA A 54 5.19 1.73 -8.09
CA ALA A 54 3.81 2.03 -8.49
C ALA A 54 3.00 0.76 -8.69
N GLY A 55 3.61 -0.27 -9.28
CA GLY A 55 2.91 -1.50 -9.56
C GLY A 55 2.76 -2.45 -8.38
N HIS A 56 3.40 -2.15 -7.26
CA HIS A 56 3.26 -2.99 -6.08
C HIS A 56 1.91 -2.77 -5.41
N VAL A 57 1.62 -3.58 -4.39
CA VAL A 57 0.35 -3.50 -3.70
C VAL A 57 0.20 -2.14 -2.99
N ALA A 58 1.25 -1.72 -2.29
CA ALA A 58 1.19 -0.45 -1.59
C ALA A 58 1.16 0.72 -2.58
N GLY A 59 1.88 0.58 -3.70
CA GLY A 59 1.83 1.62 -4.72
C GLY A 59 0.46 1.77 -5.36
N GLN A 60 -0.16 0.65 -5.75
CA GLN A 60 -1.51 0.72 -6.28
C GLN A 60 -2.48 1.31 -5.26
N SER A 61 -2.34 0.93 -3.99
CA SER A 61 -3.20 1.48 -2.95
C SER A 61 -3.01 2.99 -2.83
N ALA A 62 -1.77 3.46 -2.91
CA ALA A 62 -1.50 4.89 -2.78
C ALA A 62 -2.06 5.66 -3.97
N LEU A 63 -1.91 5.12 -5.17
CA LEU A 63 -2.49 5.78 -6.33
C LEU A 63 -4.01 5.76 -6.28
N PHE A 64 -4.60 4.69 -5.72
CA PHE A 64 -6.04 4.66 -5.56
C PHE A 64 -6.50 5.74 -4.58
N MET A 65 -5.72 5.98 -3.53
CA MET A 65 -6.06 7.02 -2.57
C MET A 65 -5.92 8.41 -3.20
N ARG A 66 -4.78 8.69 -3.84
CA ARG A 66 -4.61 9.97 -4.51
C ARG A 66 -5.72 10.22 -5.52
N ASP A 67 -5.96 9.23 -6.38
CA ASP A 67 -6.95 9.36 -7.45
C ASP A 67 -8.34 9.62 -6.89
N ASN A 68 -8.71 8.99 -5.78
CA ASN A 68 -10.07 9.10 -5.25
C ASN A 68 -10.18 10.03 -4.05
N GLY A 69 -9.09 10.67 -3.64
CA GLY A 69 -9.16 11.56 -2.50
C GLY A 69 -9.48 10.88 -1.19
N ILE A 70 -8.99 9.66 -1.00
CA ILE A 70 -9.17 8.96 0.26
C ILE A 70 -8.11 9.43 1.24
N SER A 71 -8.54 9.79 2.45
CA SER A 71 -7.62 10.39 3.42
C SER A 71 -6.93 9.37 4.31
N GLU A 72 -7.47 8.16 4.45
CA GLU A 72 -6.88 7.18 5.35
C GLU A 72 -7.14 5.78 4.83
N GLY A 73 -6.11 4.94 4.83
CA GLY A 73 -6.22 3.61 4.26
C GLY A 73 -5.37 2.59 5.00
N LEU A 74 -5.80 1.34 4.94
CA LEU A 74 -5.10 0.22 5.56
C LEU A 74 -4.95 -0.87 4.50
N VAL A 75 -3.80 -1.53 4.45
CA VAL A 75 -3.62 -2.59 3.46
C VAL A 75 -2.76 -3.70 4.04
N PHE A 76 -3.19 -4.95 3.84
CA PHE A 76 -2.43 -6.13 4.19
C PHE A 76 -1.96 -6.82 2.92
N HIS A 77 -0.72 -7.32 2.92
CA HIS A 77 -0.20 -8.09 1.80
C HIS A 77 0.41 -9.39 2.33
N ASN A 78 0.83 -10.26 1.40
CA ASN A 78 1.16 -11.63 1.73
C ASN A 78 2.63 -11.98 1.54
N ASN A 79 3.49 -10.98 1.30
CA ASN A 79 4.88 -11.23 0.94
C ASN A 79 5.74 -11.50 2.17
N PRO A 80 6.28 -12.72 2.31
CA PRO A 80 7.08 -13.02 3.52
C PRO A 80 8.38 -12.25 3.61
N GLU A 81 8.87 -11.68 2.52
CA GLU A 81 10.07 -10.83 2.56
C GLU A 81 9.73 -9.38 2.90
N GLY A 82 8.46 -9.07 3.16
CA GLY A 82 8.08 -7.76 3.65
C GLY A 82 7.86 -6.73 2.55
N THR A 83 7.65 -5.50 3.00
CA THR A 83 7.52 -4.36 2.13
C THR A 83 8.91 -3.92 1.65
N CYS A 84 9.06 -3.71 0.34
CA CYS A 84 10.38 -3.51 -0.24
C CYS A 84 10.92 -2.10 0.05
N GLY A 85 12.15 -1.83 -0.41
CA GLY A 85 12.77 -0.55 -0.15
C GLY A 85 12.23 0.57 -1.03
N PHE A 86 11.79 0.23 -2.25
CA PHE A 86 11.17 1.25 -3.10
C PHE A 86 9.87 1.74 -2.49
N CYS A 87 9.05 0.84 -1.97
CA CYS A 87 7.83 1.26 -1.29
C CYS A 87 8.16 2.17 -0.12
N VAL A 88 9.08 1.73 0.75
CA VAL A 88 9.46 2.47 1.94
C VAL A 88 9.90 3.90 1.58
N ASN A 89 10.57 4.07 0.42
CA ASN A 89 11.06 5.41 0.10
C ASN A 89 10.15 6.24 -0.81
N MET A 90 9.19 5.64 -1.51
CA MET A 90 8.46 6.37 -2.55
C MET A 90 6.96 6.48 -2.31
N THR A 91 6.39 5.73 -1.35
CA THR A 91 4.96 5.79 -1.15
C THR A 91 4.50 7.20 -0.78
N GLU A 92 5.26 7.89 0.08
CA GLU A 92 4.87 9.23 0.49
C GLU A 92 4.88 10.21 -0.69
N THR A 93 5.73 9.98 -1.69
CA THR A 93 5.59 10.75 -2.92
C THR A 93 4.25 10.44 -3.57
N LEU A 94 3.97 9.15 -3.81
CA LEU A 94 2.72 8.80 -4.48
C LEU A 94 1.49 9.31 -3.72
N LEU A 95 1.57 9.28 -2.40
CA LEU A 95 0.44 9.68 -1.57
C LEU A 95 0.15 11.17 -1.71
N PRO A 96 -1.12 11.57 -1.64
CA PRO A 96 -1.46 12.99 -1.52
C PRO A 96 -1.12 13.50 -0.13
N GLU A 97 -0.93 14.83 -0.04
CA GLU A 97 -0.40 15.41 1.20
C GLU A 97 -1.30 15.13 2.39
N ASN A 98 -0.70 14.60 3.45
CA ASN A 98 -1.29 14.29 4.74
C ASN A 98 -2.24 13.10 4.72
N ALA A 99 -2.29 12.35 3.61
CA ALA A 99 -2.99 11.07 3.63
C ALA A 99 -2.19 10.05 4.42
N LYS A 100 -2.88 9.21 5.17
CA LYS A 100 -2.26 8.20 6.00
C LYS A 100 -2.60 6.82 5.48
N MET A 101 -1.58 6.04 5.11
CA MET A 101 -1.78 4.66 4.72
C MET A 101 -0.85 3.77 5.53
N THR A 102 -1.42 2.81 6.25
CA THR A 102 -0.62 1.84 7.00
C THR A 102 -0.55 0.54 6.21
N VAL A 103 0.66 0.02 6.05
CA VAL A 103 0.93 -1.16 5.24
C VAL A 103 1.40 -2.28 6.17
N VAL A 104 0.73 -3.43 6.10
CA VAL A 104 0.95 -4.52 7.04
C VAL A 104 1.44 -5.77 6.32
N PRO A 105 2.69 -6.19 6.52
CA PRO A 105 3.16 -7.45 5.93
C PRO A 105 2.67 -8.64 6.73
N PRO A 106 2.81 -9.86 6.20
CA PRO A 106 2.37 -11.04 6.95
C PRO A 106 3.15 -11.22 8.24
N GLU A 107 2.58 -12.00 9.16
CA GLU A 107 3.20 -12.25 10.45
C GLU A 107 4.55 -12.93 10.27
N GLY A 108 5.54 -12.49 11.06
CA GLY A 108 6.85 -13.08 10.99
C GLY A 108 7.58 -12.86 9.68
N ALA A 109 7.15 -11.88 8.89
CA ALA A 109 7.90 -11.50 7.70
C ALA A 109 9.33 -11.15 8.08
N ILE A 110 10.27 -11.59 7.25
CA ILE A 110 11.69 -11.36 7.51
C ILE A 110 12.32 -10.72 6.28
N PRO A 111 12.70 -9.44 6.35
CA PRO A 111 13.29 -8.79 5.17
C PRO A 111 14.66 -9.35 4.89
N VAL A 112 15.02 -9.39 3.60
CA VAL A 112 16.23 -10.11 3.21
C VAL A 112 17.07 -9.28 2.24
N LYS A 113 16.51 -8.20 1.72
CA LYS A 113 17.24 -7.28 0.86
C LYS A 113 17.26 -5.88 1.47
N ARG A 114 18.15 -5.05 0.94
CA ARG A 114 18.34 -3.71 1.49
C ARG A 114 17.05 -2.91 1.39
N GLY A 115 16.68 -2.26 2.49
CA GLY A 115 15.54 -1.37 2.52
C GLY A 115 14.22 -2.02 2.93
N ALA A 116 14.07 -3.32 2.66
CA ALA A 116 12.83 -4.01 3.01
C ALA A 116 12.62 -4.06 4.52
N THR A 117 11.36 -4.12 4.93
CA THR A 117 11.00 -4.28 6.33
C THR A 117 9.87 -5.28 6.46
N GLY A 118 9.90 -6.05 7.56
CA GLY A 118 8.85 -6.97 7.90
C GLY A 118 7.86 -6.42 8.90
N GLU A 119 7.91 -5.13 9.18
CA GLU A 119 7.09 -4.50 10.18
C GLU A 119 6.04 -3.61 9.50
N THR A 120 4.94 -3.38 10.20
CA THR A 120 3.96 -2.41 9.75
C THR A 120 4.59 -1.03 9.64
N LYS A 121 4.26 -0.33 8.55
CA LYS A 121 4.71 1.05 8.34
C LYS A 121 3.50 1.95 8.12
N VAL A 122 3.55 3.15 8.67
CA VAL A 122 2.49 4.14 8.50
C VAL A 122 3.08 5.27 7.66
N PHE A 123 2.72 5.32 6.39
CA PHE A 123 3.14 6.38 5.50
C PHE A 123 2.17 7.55 5.58
N THR A 124 2.71 8.76 5.70
CA THR A 124 1.92 9.98 5.57
C THR A 124 2.37 10.73 4.33
N GLY A 125 1.41 11.13 3.50
CA GLY A 125 1.75 11.73 2.22
C GLY A 125 2.40 13.08 2.35
N ASN A 126 3.28 13.38 1.40
CA ASN A 126 3.99 14.64 1.34
C ASN A 126 3.49 15.44 0.14
N SER A 127 3.89 16.72 0.10
CA SER A 127 3.38 17.65 -0.90
C SER A 127 3.88 17.35 -2.31
N ASN A 128 4.87 16.48 -2.47
CA ASN A 128 5.33 16.13 -3.80
C ASN A 128 4.34 15.17 -4.46
N SER A 129 4.42 15.12 -5.78
CA SER A 129 3.54 14.34 -6.63
C SER A 129 4.37 13.50 -7.58
N PRO A 130 3.82 12.42 -8.11
CA PRO A 130 4.58 11.60 -9.07
C PRO A 130 4.82 12.37 -10.36
N LYS A 131 6.08 12.37 -10.81
CA LYS A 131 6.43 12.95 -12.10
C LYS A 131 5.80 12.13 -13.22
N SER A 132 5.13 12.81 -14.15
CA SER A 132 4.50 12.11 -15.27
C SER A 132 5.55 11.65 -16.28
N PRO A 133 5.38 10.48 -16.89
CA PRO A 133 6.50 9.82 -17.58
C PRO A 133 6.82 10.37 -18.96
N HIS A 134 7.68 9.64 -19.68
CA HIS A 134 8.08 9.95 -21.05
C HIS A 134 8.17 8.63 -21.83
N HIS A 135 8.64 8.70 -23.07
CA HIS A 135 8.80 7.54 -23.93
C HIS A 135 10.28 7.35 -24.26
N HIS A 136 11.05 6.91 -23.27
CA HIS A 136 12.49 6.71 -23.50
C HIS A 136 12.79 5.38 -24.18
ZN ZN D . 7.43 -2.72 -2.90
MG MG E . 3.21 13.02 -2.11
P PO4 F . 6.56 -5.77 -2.44
O1 PO4 F . 7.35 -4.52 -2.19
O2 PO4 F . 5.28 -5.47 -3.19
O3 PO4 F . 7.43 -6.71 -3.24
O4 PO4 F . 6.22 -6.41 -1.11
#